data_8IZN
#
_entry.id   8IZN
#
_cell.length_a   1.00
_cell.length_b   1.00
_cell.length_c   1.00
_cell.angle_alpha   90.00
_cell.angle_beta   90.00
_cell.angle_gamma   90.00
#
_symmetry.space_group_name_H-M   'P 1'
#
loop_
_entity.id
_entity.type
_entity.pdbx_description
1 polymer 'Interferon-induced, double-stranded RNA-activated protein kinase'
2 polymer 'Non-structural protein 1'
#
loop_
_entity_poly.entity_id
_entity_poly.type
_entity_poly.pdbx_seq_one_letter_code
_entity_poly.pdbx_strand_id
1 'polypeptide(L)'
;GSHMEMAGDLSAGFFMEELNTYRQKQGVVLKYQELPNSGPPHDRRFTFQVIIDGREFPEGEGRSKKEAKNAAAKLAVEIL
NKEKKAVSPLLLTTTNSSEGLSMGNYIGLINRIAQKKRLTVNYEQCASGVHGPEGFHYKCKMGQKEYSIGTGSTKQEAKQ
LAAKLAYLQILSEETGSGC
;
A
2 'polypeptide(L)'
;TPASRYITDMTIEELSRDWFMLMPKQKVEGPLCIRIDQAIMDKNIMLKANFSVIFDRLETLILLRAFTEEGAIVGEISPL
PSFPGHTIEDVKNAIGVLIGGLEWNDNTVRVSKTLQRFAWGS
;
B
#
# COMPACT_ATOMS: atom_id res chain seq x y z
N GLY A 1 6.39 -24.62 -29.32
CA GLY A 1 6.32 -25.69 -30.34
C GLY A 1 6.69 -27.05 -29.78
N SER A 2 7.79 -27.12 -29.05
CA SER A 2 8.15 -28.34 -28.34
C SER A 2 9.19 -28.01 -27.29
N HIS A 3 8.84 -28.17 -26.01
CA HIS A 3 9.81 -28.07 -24.92
C HIS A 3 10.57 -29.38 -24.79
N MET A 4 9.86 -30.46 -24.51
CA MET A 4 10.36 -31.82 -24.61
C MET A 4 9.80 -32.44 -25.88
N GLU A 5 10.33 -33.60 -26.25
CA GLU A 5 9.76 -34.36 -27.35
C GLU A 5 9.74 -35.86 -27.12
N MET A 6 10.13 -36.32 -25.93
CA MET A 6 10.32 -37.74 -25.68
C MET A 6 9.91 -38.17 -24.28
N ALA A 7 9.34 -37.28 -23.47
CA ALA A 7 9.16 -37.53 -22.05
C ALA A 7 8.03 -38.54 -21.82
N GLY A 8 7.70 -38.76 -20.55
CA GLY A 8 6.63 -39.67 -20.16
C GLY A 8 6.94 -40.51 -18.94
N ASP A 9 6.04 -40.47 -17.95
CA ASP A 9 6.14 -41.35 -16.78
C ASP A 9 5.74 -42.77 -17.19
N LEU A 10 5.75 -43.67 -16.22
CA LEU A 10 5.15 -44.99 -16.42
C LEU A 10 4.41 -45.54 -15.20
N SER A 11 4.28 -44.77 -14.11
CA SER A 11 3.16 -44.99 -13.18
C SER A 11 2.80 -43.64 -12.59
N ALA A 12 1.96 -42.91 -13.31
CA ALA A 12 1.43 -41.62 -12.90
C ALA A 12 0.62 -41.09 -14.07
N GLY A 13 -0.06 -39.97 -13.90
CA GLY A 13 -0.27 -39.09 -15.02
C GLY A 13 1.05 -38.47 -15.41
N PHE A 14 1.11 -37.94 -16.63
CA PHE A 14 2.23 -37.05 -16.99
C PHE A 14 1.74 -35.68 -17.41
N PHE A 15 0.87 -35.59 -18.42
CA PHE A 15 0.30 -34.30 -18.77
C PHE A 15 -0.90 -33.92 -17.92
N MET A 16 -1.09 -34.54 -16.75
CA MET A 16 -1.88 -33.93 -15.67
C MET A 16 -1.21 -34.06 -14.31
N GLU A 17 -0.57 -35.19 -14.03
CA GLU A 17 0.03 -35.40 -12.72
C GLU A 17 1.39 -34.74 -12.65
N GLU A 18 2.27 -35.07 -13.59
CA GLU A 18 3.53 -34.36 -13.72
C GLU A 18 3.35 -32.95 -14.29
N LEU A 19 2.15 -32.61 -14.76
CA LEU A 19 1.81 -31.28 -15.25
C LEU A 19 1.33 -30.35 -14.12
N ASN A 20 1.57 -30.70 -12.86
CA ASN A 20 0.98 -29.98 -11.74
C ASN A 20 1.72 -28.68 -11.39
N THR A 21 2.95 -28.50 -11.88
CA THR A 21 3.86 -27.55 -11.24
C THR A 21 3.44 -26.09 -11.46
N TYR A 22 3.41 -25.62 -12.72
CA TYR A 22 3.28 -24.18 -12.95
C TYR A 22 1.87 -23.69 -12.62
N ARG A 23 0.88 -24.58 -12.65
CA ARG A 23 -0.51 -24.21 -12.35
C ARG A 23 -0.81 -24.18 -10.86
N GLN A 24 0.21 -24.10 -10.00
CA GLN A 24 -0.01 -23.76 -8.59
C GLN A 24 -0.36 -22.28 -8.46
N LYS A 25 0.48 -21.40 -9.00
CA LYS A 25 0.21 -19.97 -9.01
C LYS A 25 -0.57 -19.53 -10.24
N GLN A 26 -0.33 -20.14 -11.41
CA GLN A 26 -1.18 -19.85 -12.56
C GLN A 26 -2.61 -20.31 -12.31
N GLY A 27 -2.80 -21.28 -11.42
CA GLY A 27 -4.10 -21.55 -10.83
C GLY A 27 -5.16 -22.02 -11.80
N VAL A 28 -4.99 -23.24 -12.32
CA VAL A 28 -5.94 -23.81 -13.29
C VAL A 28 -6.14 -25.28 -12.97
N VAL A 29 -7.28 -25.62 -12.37
CA VAL A 29 -7.70 -27.01 -12.19
C VAL A 29 -8.51 -27.37 -13.44
N LEU A 30 -7.81 -27.73 -14.50
CA LEU A 30 -8.42 -27.91 -15.82
C LEU A 30 -9.42 -29.04 -15.80
N LYS A 31 -10.71 -28.71 -15.94
CA LYS A 31 -11.69 -29.67 -16.40
C LYS A 31 -11.42 -29.82 -17.89
N TYR A 32 -10.62 -30.83 -18.24
CA TYR A 32 -9.55 -30.61 -19.21
C TYR A 32 -10.08 -30.27 -20.59
N GLN A 33 -9.32 -29.42 -21.26
CA GLN A 33 -9.59 -28.95 -22.60
C GLN A 33 -8.71 -29.69 -23.57
N GLU A 34 -9.31 -30.30 -24.58
CA GLU A 34 -8.61 -31.21 -25.47
C GLU A 34 -8.69 -30.63 -26.88
N LEU A 35 -7.54 -30.30 -27.44
CA LEU A 35 -7.44 -29.96 -28.85
C LEU A 35 -6.42 -30.87 -29.56
N PRO A 36 -6.44 -32.19 -29.33
CA PRO A 36 -5.36 -33.02 -29.86
C PRO A 36 -5.44 -33.20 -31.36
N ASN A 37 -4.28 -33.13 -32.01
CA ASN A 37 -4.11 -33.39 -33.45
C ASN A 37 -5.14 -32.60 -34.28
N SER A 38 -5.06 -31.28 -34.13
CA SER A 38 -6.05 -30.37 -34.70
C SER A 38 -5.61 -29.77 -36.03
N GLY A 39 -4.41 -30.08 -36.51
CA GLY A 39 -3.86 -29.46 -37.70
C GLY A 39 -4.70 -29.71 -38.94
N PRO A 40 -5.28 -28.68 -39.56
CA PRO A 40 -6.02 -28.90 -40.82
C PRO A 40 -5.11 -29.36 -41.95
N PRO A 41 -3.99 -28.64 -42.24
CA PRO A 41 -3.15 -29.09 -43.36
C PRO A 41 -2.23 -30.25 -42.99
N HIS A 42 -2.84 -31.38 -42.63
CA HIS A 42 -2.14 -32.65 -42.45
C HIS A 42 -1.05 -32.56 -41.39
N ASP A 43 -1.49 -32.34 -40.14
CA ASP A 43 -0.59 -32.34 -38.99
C ASP A 43 -1.32 -32.90 -37.78
N ARG A 44 -0.88 -34.07 -37.32
CA ARG A 44 -1.42 -34.67 -36.09
C ARG A 44 -0.51 -34.37 -34.91
N ARG A 45 -0.70 -33.17 -34.36
CA ARG A 45 0.05 -32.69 -33.20
C ARG A 45 -0.89 -32.53 -32.01
N PHE A 46 -0.57 -33.21 -30.91
CA PHE A 46 -1.42 -33.24 -29.72
C PHE A 46 -1.39 -31.89 -29.01
N THR A 47 -2.35 -31.03 -29.29
CA THR A 47 -2.58 -29.85 -28.44
C THR A 47 -3.60 -30.22 -27.38
N PHE A 48 -3.20 -31.16 -26.54
CA PHE A 48 -4.04 -31.53 -25.42
C PHE A 48 -4.03 -30.31 -24.51
N GLN A 49 -5.03 -29.45 -24.69
CA GLN A 49 -4.92 -28.06 -24.27
C GLN A 49 -4.78 -27.95 -22.77
N VAL A 50 -3.55 -27.74 -22.34
CA VAL A 50 -3.27 -27.21 -21.03
C VAL A 50 -3.60 -25.73 -21.09
N ILE A 51 -3.84 -25.11 -19.94
CA ILE A 51 -4.34 -23.75 -19.88
C ILE A 51 -3.45 -22.89 -18.97
N ILE A 52 -3.36 -21.61 -19.33
CA ILE A 52 -2.50 -20.65 -18.64
C ILE A 52 -3.28 -19.82 -17.62
N ASP A 53 -4.51 -19.41 -17.95
CA ASP A 53 -5.27 -18.53 -17.07
C ASP A 53 -6.74 -18.91 -16.88
N GLY A 54 -7.29 -19.81 -17.71
CA GLY A 54 -8.57 -20.43 -17.42
C GLY A 54 -9.40 -20.83 -18.61
N ARG A 55 -9.09 -20.28 -19.79
CA ARG A 55 -9.73 -20.68 -21.03
C ARG A 55 -8.72 -20.88 -22.15
N GLU A 56 -7.53 -20.27 -22.00
CA GLU A 56 -6.63 -19.98 -23.12
C GLU A 56 -6.19 -21.25 -23.83
N PHE A 57 -5.46 -21.06 -24.93
CA PHE A 57 -4.87 -22.14 -25.71
C PHE A 57 -3.35 -22.10 -25.54
N PRO A 58 -2.84 -22.47 -24.37
CA PRO A 58 -1.46 -22.93 -24.36
C PRO A 58 -1.28 -24.06 -25.33
N GLU A 59 -0.26 -23.90 -26.15
CA GLU A 59 -0.12 -24.73 -27.33
C GLU A 59 1.26 -24.51 -27.91
N GLY A 60 1.98 -25.60 -28.09
CA GLY A 60 3.16 -25.67 -28.92
C GLY A 60 3.38 -27.15 -29.13
N GLU A 61 3.49 -27.58 -30.39
CA GLU A 61 3.26 -28.98 -30.71
C GLU A 61 3.93 -29.33 -32.02
N GLY A 62 4.33 -30.61 -32.15
CA GLY A 62 5.04 -31.08 -33.33
C GLY A 62 4.65 -32.43 -33.93
N ARG A 63 3.93 -33.28 -33.21
CA ARG A 63 3.56 -34.60 -33.73
C ARG A 63 2.64 -35.30 -32.74
N SER A 64 1.91 -36.29 -33.25
CA SER A 64 1.09 -37.18 -32.42
C SER A 64 1.97 -38.23 -31.73
N LYS A 65 2.87 -37.74 -30.89
CA LYS A 65 3.71 -38.57 -30.03
C LYS A 65 4.20 -37.67 -28.91
N LYS A 66 5.28 -38.07 -28.24
CA LYS A 66 5.83 -37.29 -27.12
C LYS A 66 6.19 -35.86 -27.54
N GLU A 67 6.36 -35.64 -28.84
CA GLU A 67 6.59 -34.31 -29.41
C GLU A 67 5.71 -33.21 -28.84
N ALA A 68 4.38 -33.41 -28.87
CA ALA A 68 3.53 -32.24 -29.02
C ALA A 68 3.09 -31.53 -27.74
N LYS A 69 2.25 -32.16 -26.91
CA LYS A 69 1.49 -31.35 -25.96
C LYS A 69 2.35 -30.65 -24.93
N ASN A 70 3.61 -31.06 -24.75
CA ASN A 70 4.50 -30.44 -23.77
C ASN A 70 4.57 -28.93 -23.92
N ALA A 71 4.82 -28.44 -25.14
CA ALA A 71 4.87 -27.00 -25.38
C ALA A 71 3.49 -26.39 -25.55
N ALA A 72 2.41 -27.13 -25.28
CA ALA A 72 1.17 -26.47 -24.91
C ALA A 72 1.41 -25.39 -23.85
N ALA A 73 1.90 -25.78 -22.65
CA ALA A 73 2.14 -24.81 -21.60
C ALA A 73 3.39 -23.97 -21.82
N LYS A 74 3.98 -24.04 -23.03
CA LYS A 74 5.05 -23.13 -23.42
C LYS A 74 4.68 -21.69 -23.10
N LEU A 75 3.63 -21.19 -23.72
CA LEU A 75 3.13 -19.85 -23.45
C LEU A 75 2.40 -19.77 -22.12
N ALA A 76 2.04 -20.91 -21.54
CA ALA A 76 1.56 -20.91 -20.17
C ALA A 76 2.69 -20.78 -19.17
N VAL A 77 3.93 -20.70 -19.64
CA VAL A 77 5.01 -20.15 -18.83
C VAL A 77 5.05 -18.63 -18.96
N GLU A 78 4.56 -18.08 -20.07
CA GLU A 78 4.93 -16.75 -20.51
C GLU A 78 3.89 -15.69 -20.20
N ILE A 79 2.60 -15.96 -20.42
CA ILE A 79 1.59 -14.91 -20.30
C ILE A 79 1.56 -14.35 -18.89
N LEU A 80 2.02 -15.14 -17.91
CA LEU A 80 2.39 -14.56 -16.62
C LEU A 80 3.64 -13.69 -16.75
N ASN A 81 4.64 -14.14 -17.52
CA ASN A 81 5.84 -13.33 -17.71
C ASN A 81 5.52 -12.13 -18.60
N LYS A 82 5.00 -12.39 -19.79
CA LYS A 82 4.37 -11.34 -20.57
C LYS A 82 3.27 -10.68 -19.75
N GLU A 83 2.83 -9.51 -20.21
CA GLU A 83 1.67 -8.82 -19.69
C GLU A 83 1.86 -8.26 -18.29
N LYS A 84 3.05 -8.39 -17.68
CA LYS A 84 3.32 -7.76 -16.39
C LYS A 84 3.38 -6.24 -16.52
N LYS A 85 3.53 -5.73 -17.73
CA LYS A 85 3.30 -4.33 -18.08
C LYS A 85 1.95 -3.83 -17.56
N ALA A 86 1.85 -2.50 -17.38
CA ALA A 86 0.70 -1.86 -16.75
C ALA A 86 -0.61 -2.15 -17.50
N VAL A 87 -1.73 -1.89 -16.82
CA VAL A 87 -3.05 -1.98 -17.43
C VAL A 87 -3.87 -0.71 -17.19
N SER A 88 -3.62 -0.01 -16.08
CA SER A 88 -4.50 1.08 -15.70
C SER A 88 -4.11 2.37 -16.42
N PRO A 89 -5.00 3.37 -16.45
CA PRO A 89 -4.57 4.72 -16.83
C PRO A 89 -3.80 5.34 -15.68
N LEU A 90 -3.58 6.66 -15.71
CA LEU A 90 -2.90 7.44 -14.68
C LEU A 90 -3.18 6.97 -13.26
N LEU A 91 -4.41 6.54 -12.99
CA LEU A 91 -4.76 5.84 -11.77
C LEU A 91 -5.64 4.65 -12.12
N LEU A 92 -5.90 3.79 -11.15
CA LEU A 92 -6.96 2.82 -11.31
C LEU A 92 -8.27 3.54 -11.57
N THR A 93 -9.01 3.08 -12.58
CA THR A 93 -10.38 3.53 -12.78
C THR A 93 -11.34 2.93 -11.74
N THR A 94 -10.81 2.11 -10.84
CA THR A 94 -11.48 1.68 -9.62
C THR A 94 -12.19 2.84 -8.94
N THR A 95 -13.34 2.54 -8.33
CA THR A 95 -14.12 3.47 -7.53
C THR A 95 -13.53 3.72 -6.14
N ASN A 96 -12.29 3.28 -5.91
CA ASN A 96 -11.61 3.39 -4.63
C ASN A 96 -10.20 3.91 -4.84
N SER A 97 -9.90 4.54 -5.98
CA SER A 97 -8.57 5.02 -6.27
C SER A 97 -8.10 5.95 -5.16
N SER A 98 -6.79 6.12 -5.05
CA SER A 98 -6.08 6.36 -3.80
C SER A 98 -6.80 7.21 -2.76
N GLU A 99 -6.88 6.69 -1.55
CA GLU A 99 -7.21 7.48 -0.38
C GLU A 99 -5.96 8.25 0.05
N GLY A 100 -5.96 8.76 1.28
CA GLY A 100 -4.83 9.54 1.73
C GLY A 100 -5.08 10.66 2.73
N LEU A 101 -6.34 10.99 2.99
CA LEU A 101 -6.66 11.89 4.11
C LEU A 101 -6.05 13.28 3.90
N SER A 102 -6.59 14.03 2.93
CA SER A 102 -6.01 15.30 2.48
C SER A 102 -5.79 16.27 3.63
N MET A 103 -4.95 17.27 3.37
CA MET A 103 -4.39 18.11 4.42
C MET A 103 -5.47 18.87 5.17
N GLY A 104 -5.36 18.88 6.50
CA GLY A 104 -6.21 19.67 7.35
C GLY A 104 -5.66 21.02 7.69
N ASN A 105 -4.36 21.23 7.52
CA ASN A 105 -3.78 22.54 7.75
C ASN A 105 -4.19 23.48 6.62
N TYR A 106 -4.10 24.77 6.91
CA TYR A 106 -4.57 25.81 6.01
C TYR A 106 -3.41 26.61 5.43
N ILE A 107 -2.60 27.23 6.29
CA ILE A 107 -1.49 28.05 5.82
C ILE A 107 -0.33 27.21 5.31
N GLY A 108 -0.44 25.89 5.37
CA GLY A 108 0.59 25.05 4.80
C GLY A 108 0.67 25.19 3.30
N LEU A 109 -0.37 24.69 2.61
CA LEU A 109 -0.41 24.77 1.16
C LEU A 109 -1.02 26.08 0.67
N ILE A 110 -1.18 27.07 1.54
CA ILE A 110 -1.63 28.37 1.07
C ILE A 110 -0.60 28.98 0.14
N ASN A 111 0.68 28.87 0.47
CA ASN A 111 1.68 29.50 -0.36
C ASN A 111 1.84 28.75 -1.66
N ARG A 112 1.64 27.43 -1.62
CA ARG A 112 1.41 26.68 -2.85
C ARG A 112 0.28 27.32 -3.63
N ILE A 113 -0.91 27.36 -3.02
CA ILE A 113 -2.09 27.87 -3.71
C ILE A 113 -2.02 29.39 -3.84
N ALA A 114 -1.05 30.02 -3.18
CA ALA A 114 -0.71 31.40 -3.52
C ALA A 114 -0.08 31.49 -4.91
N GLN A 115 0.15 30.35 -5.56
CA GLN A 115 0.50 30.32 -6.99
C GLN A 115 -0.49 31.03 -7.92
N LYS A 116 -1.66 31.45 -7.43
CA LYS A 116 -2.51 32.37 -8.18
C LYS A 116 -1.70 33.49 -8.80
N LYS A 117 -0.90 34.16 -7.98
CA LYS A 117 0.13 35.06 -8.45
C LYS A 117 1.40 35.01 -7.60
N ARG A 118 1.61 33.94 -6.83
CA ARG A 118 2.78 33.80 -5.94
C ARG A 118 2.80 34.93 -4.91
N LEU A 119 1.79 34.92 -4.07
CA LEU A 119 1.45 36.06 -3.24
C LEU A 119 2.35 36.16 -2.03
N THR A 120 2.43 37.39 -1.51
CA THR A 120 2.90 37.61 -0.15
C THR A 120 1.83 37.13 0.81
N VAL A 121 2.14 36.06 1.55
CA VAL A 121 1.26 35.51 2.57
C VAL A 121 1.93 35.75 3.90
N ASN A 122 1.26 36.53 4.76
CA ASN A 122 1.89 37.02 5.98
C ASN A 122 0.83 37.17 7.06
N TYR A 123 1.22 36.89 8.30
CA TYR A 123 0.32 36.88 9.45
C TYR A 123 1.03 37.46 10.66
N GLU A 124 0.31 38.27 11.43
CA GLU A 124 0.84 38.88 12.65
C GLU A 124 -0.35 39.27 13.52
N GLN A 125 -0.08 39.42 14.82
CA GLN A 125 -1.11 39.83 15.75
C GLN A 125 -0.50 40.62 16.90
N CYS A 126 -1.38 41.31 17.63
CA CYS A 126 -1.05 41.97 18.89
C CYS A 126 -2.09 41.47 19.89
N ALA A 127 -1.84 40.29 20.46
CA ALA A 127 -2.86 39.56 21.21
C ALA A 127 -2.97 40.18 22.60
N SER A 128 -4.00 41.00 22.80
CA SER A 128 -4.22 41.67 24.06
C SER A 128 -4.54 40.66 25.15
N GLY A 129 -4.11 40.99 26.35
CA GLY A 129 -4.48 40.29 27.55
C GLY A 129 -4.98 41.25 28.60
N VAL A 130 -5.42 42.44 28.17
CA VAL A 130 -5.75 43.56 29.04
C VAL A 130 -6.83 43.13 30.02
N HIS A 131 -8.02 42.88 29.47
CA HIS A 131 -9.04 42.10 30.14
C HIS A 131 -8.88 40.61 29.86
N GLY A 132 -8.06 40.27 28.86
CA GLY A 132 -7.64 38.92 28.59
C GLY A 132 -8.06 38.45 27.21
N PRO A 133 -9.35 38.60 26.89
CA PRO A 133 -9.81 38.49 25.49
C PRO A 133 -10.09 39.82 24.81
N GLU A 134 -9.70 40.95 25.41
CA GLU A 134 -10.31 42.27 25.23
C GLU A 134 -10.76 42.58 23.80
N GLY A 135 -9.99 42.16 22.80
CA GLY A 135 -10.49 42.15 21.43
C GLY A 135 -9.41 41.81 20.43
N PHE A 136 -9.69 40.86 19.53
CA PHE A 136 -8.74 40.38 18.53
C PHE A 136 -9.47 40.42 17.18
N HIS A 137 -9.40 41.56 16.50
CA HIS A 137 -9.79 41.65 15.10
C HIS A 137 -8.57 41.39 14.23
N TYR A 138 -8.69 40.43 13.33
CA TYR A 138 -7.56 39.88 12.61
C TYR A 138 -7.50 40.48 11.22
N LYS A 139 -6.28 40.72 10.74
CA LYS A 139 -6.02 41.49 9.52
C LYS A 139 -4.80 40.87 8.84
N CYS A 140 -5.04 40.07 7.82
CA CYS A 140 -3.97 39.43 7.06
C CYS A 140 -4.47 39.27 5.63
N LYS A 141 -3.84 38.40 4.86
CA LYS A 141 -4.30 38.29 3.48
C LYS A 141 -3.78 37.03 2.80
N MET A 142 -4.66 36.46 1.99
CA MET A 142 -4.31 35.85 0.72
C MET A 142 -5.11 36.61 -0.33
N GLY A 143 -4.88 36.32 -1.59
CA GLY A 143 -5.49 37.10 -2.64
C GLY A 143 -4.97 38.53 -2.59
N GLN A 144 -5.65 39.41 -3.32
CA GLN A 144 -5.24 40.83 -3.29
C GLN A 144 -6.41 41.82 -3.32
N LYS A 145 -7.65 41.38 -3.12
CA LYS A 145 -8.78 42.28 -2.98
C LYS A 145 -9.62 42.02 -1.73
N GLU A 146 -9.75 40.75 -1.35
CA GLU A 146 -10.44 40.38 -0.11
C GLU A 146 -9.35 40.21 0.96
N TYR A 147 -9.03 41.31 1.63
CA TYR A 147 -8.04 41.26 2.71
C TYR A 147 -8.56 40.33 3.79
N SER A 148 -7.91 39.18 3.91
CA SER A 148 -8.38 38.15 4.83
C SER A 148 -8.37 38.66 6.26
N ILE A 149 -9.50 38.51 6.92
CA ILE A 149 -9.78 39.20 8.17
C ILE A 149 -10.57 38.26 9.07
N GLY A 150 -10.36 38.41 10.37
CA GLY A 150 -11.06 37.64 11.36
C GLY A 150 -11.42 38.53 12.52
N THR A 151 -12.14 37.96 13.47
CA THR A 151 -12.52 38.70 14.66
C THR A 151 -12.93 37.68 15.72
N GLY A 152 -12.56 37.96 16.96
CA GLY A 152 -12.86 37.01 18.02
C GLY A 152 -12.54 37.54 19.40
N SER A 153 -12.77 36.68 20.39
CA SER A 153 -12.61 36.98 21.80
C SER A 153 -11.28 36.50 22.36
N THR A 154 -11.03 35.20 22.33
CA THR A 154 -9.81 34.62 22.85
C THR A 154 -8.89 34.24 21.70
N LYS A 155 -7.60 34.15 22.01
CA LYS A 155 -6.58 34.11 20.97
C LYS A 155 -6.72 32.88 20.09
N GLN A 156 -6.47 31.68 20.63
CA GLN A 156 -6.38 30.50 19.78
C GLN A 156 -7.72 30.15 19.16
N GLU A 157 -8.82 30.54 19.81
CA GLU A 157 -10.12 30.34 19.19
C GLU A 157 -10.31 31.19 17.94
N ALA A 158 -9.53 32.26 17.79
CA ALA A 158 -9.64 33.17 16.65
C ALA A 158 -8.32 33.38 15.90
N LYS A 159 -7.26 32.66 16.25
CA LYS A 159 -5.95 32.89 15.63
C LYS A 159 -6.01 32.78 14.11
N GLN A 160 -6.80 31.85 13.58
CA GLN A 160 -6.72 31.55 12.16
C GLN A 160 -7.58 32.49 11.31
N LEU A 161 -8.77 32.86 11.80
CA LEU A 161 -9.93 33.17 10.94
C LEU A 161 -9.56 34.02 9.73
N ALA A 162 -8.75 35.04 9.94
CA ALA A 162 -8.17 35.77 8.81
C ALA A 162 -7.28 34.85 7.99
N ALA A 163 -6.33 34.17 8.65
CA ALA A 163 -5.42 33.27 7.93
C ALA A 163 -6.17 32.08 7.35
N LYS A 164 -7.19 31.59 8.06
CA LYS A 164 -8.16 30.69 7.46
C LYS A 164 -8.79 31.34 6.25
N LEU A 165 -9.34 32.53 6.42
CA LEU A 165 -9.91 33.26 5.30
C LEU A 165 -8.85 33.57 4.27
N ALA A 166 -7.59 33.70 4.69
CA ALA A 166 -6.50 33.84 3.74
C ALA A 166 -6.42 32.59 2.89
N TYR A 167 -6.09 31.45 3.51
CA TYR A 167 -6.02 30.20 2.78
C TYR A 167 -7.26 29.83 1.97
N LEU A 168 -8.40 30.38 2.38
CA LEU A 168 -9.67 30.17 1.70
C LEU A 168 -10.03 31.36 0.81
N GLN A 169 -9.05 32.22 0.50
CA GLN A 169 -9.33 33.40 -0.31
C GLN A 169 -9.19 33.12 -1.80
N ILE A 170 -8.00 32.73 -2.26
CA ILE A 170 -7.64 32.89 -3.67
C ILE A 170 -8.47 32.00 -4.56
N LEU A 171 -8.85 30.82 -4.09
CA LEU A 171 -9.68 29.94 -4.90
C LEU A 171 -11.04 30.57 -5.21
N SER A 172 -11.49 31.52 -4.40
CA SER A 172 -12.63 32.36 -4.72
C SER A 172 -12.23 33.70 -5.34
N GLU A 173 -11.00 34.16 -5.10
CA GLU A 173 -10.58 35.41 -5.73
C GLU A 173 -10.48 35.35 -7.24
N GLU A 174 -11.21 36.25 -7.89
CA GLU A 174 -11.02 36.54 -9.30
C GLU A 174 -9.76 37.34 -9.57
N THR A 175 -8.98 37.66 -8.54
CA THR A 175 -7.75 38.43 -8.71
C THR A 175 -6.71 37.58 -9.43
N GLY A 176 -5.53 38.14 -9.64
CA GLY A 176 -4.52 37.59 -10.52
C GLY A 176 -4.27 38.39 -11.77
N SER A 177 -5.22 39.23 -12.18
CA SER A 177 -5.01 40.17 -13.28
C SER A 177 -4.86 41.61 -12.82
N GLY A 178 -5.26 41.93 -11.57
CA GLY A 178 -5.05 43.24 -10.98
C GLY A 178 -6.28 43.90 -10.40
N CYS A 179 -7.49 43.40 -10.66
CA CYS A 179 -8.70 44.02 -10.13
C CYS A 179 -9.84 43.02 -10.07
N THR B 1 23.71 -8.35 22.92
CA THR B 1 22.82 -7.51 22.11
C THR B 1 23.58 -6.38 21.40
N PRO B 2 24.59 -6.72 20.61
CA PRO B 2 25.41 -5.69 19.97
C PRO B 2 24.64 -4.94 18.91
N ALA B 3 25.13 -3.74 18.58
CA ALA B 3 24.51 -2.96 17.52
C ALA B 3 24.61 -3.67 16.19
N SER B 4 25.67 -4.46 15.99
CA SER B 4 25.76 -5.32 14.81
C SER B 4 24.65 -6.35 14.77
N ARG B 5 24.07 -6.68 15.92
CA ARG B 5 22.97 -7.64 16.01
C ARG B 5 21.81 -7.11 16.84
N TYR B 6 21.79 -5.80 17.10
CA TYR B 6 20.67 -5.17 17.80
C TYR B 6 20.60 -3.74 17.29
N ILE B 7 19.53 -3.42 16.58
CA ILE B 7 19.40 -2.14 15.90
C ILE B 7 18.26 -1.35 16.55
N THR B 8 18.53 -0.10 16.89
CA THR B 8 17.56 0.77 17.56
C THR B 8 17.00 1.74 16.52
N ASP B 9 15.97 1.29 15.80
CA ASP B 9 15.32 2.16 14.83
C ASP B 9 14.60 3.30 15.53
N MET B 10 13.62 2.99 16.36
CA MET B 10 12.85 4.02 17.04
C MET B 10 13.76 4.76 18.03
N THR B 11 13.79 6.08 17.91
CA THR B 11 14.55 6.92 18.83
C THR B 11 13.74 7.11 20.10
N ILE B 12 14.16 8.05 20.94
CA ILE B 12 13.44 8.36 22.17
C ILE B 12 12.22 9.24 21.91
N GLU B 13 11.89 9.51 20.64
CA GLU B 13 10.69 10.25 20.30
C GLU B 13 9.61 9.42 19.59
N GLU B 14 9.97 8.30 18.97
CA GLU B 14 9.01 7.47 18.25
C GLU B 14 8.21 6.54 19.17
N LEU B 15 8.31 6.72 20.48
CA LEU B 15 7.80 5.72 21.42
C LEU B 15 6.38 5.98 21.90
N SER B 16 5.96 7.24 22.02
CA SER B 16 4.75 7.58 22.75
C SER B 16 3.86 8.54 21.95
N ARG B 17 3.60 8.22 20.69
CA ARG B 17 2.66 8.99 19.89
C ARG B 17 1.26 8.37 19.99
N ASP B 18 0.29 9.15 20.44
CA ASP B 18 -1.09 8.72 20.57
C ASP B 18 -1.98 9.45 19.57
N TRP B 19 -2.97 8.75 19.05
CA TRP B 19 -3.94 9.34 18.14
C TRP B 19 -5.29 8.69 18.41
N PHE B 20 -6.32 9.13 17.69
CA PHE B 20 -7.69 8.83 18.07
C PHE B 20 -8.47 8.19 16.94
N MET B 21 -9.34 7.25 17.29
CA MET B 21 -9.93 6.29 16.37
C MET B 21 -11.28 6.77 15.88
N LEU B 22 -11.38 7.11 14.60
CA LEU B 22 -12.69 7.39 14.02
C LEU B 22 -13.48 6.10 13.80
N MET B 23 -12.94 5.21 12.97
CA MET B 23 -13.50 3.87 12.79
C MET B 23 -12.36 2.90 12.46
N PRO B 24 -11.72 2.34 13.47
CA PRO B 24 -10.58 1.46 13.22
C PRO B 24 -11.00 0.15 12.56
N LYS B 25 -10.00 -0.56 12.05
CA LYS B 25 -10.19 -1.88 11.45
C LYS B 25 -9.01 -2.77 11.84
N GLN B 26 -9.32 -3.95 12.38
CA GLN B 26 -8.31 -4.81 12.98
C GLN B 26 -8.41 -6.22 12.42
N LYS B 27 -7.26 -6.89 12.33
CA LYS B 27 -7.20 -8.31 12.01
C LYS B 27 -5.84 -8.84 12.46
N VAL B 28 -5.77 -10.16 12.67
CA VAL B 28 -4.51 -10.77 13.10
C VAL B 28 -4.55 -12.27 12.93
N GLU B 29 -3.42 -12.86 12.50
CA GLU B 29 -3.22 -14.31 12.47
C GLU B 29 -1.82 -14.60 13.03
N GLY B 30 -1.74 -14.69 14.35
CA GLY B 30 -0.48 -14.92 14.99
C GLY B 30 0.11 -13.69 15.65
N PRO B 31 1.44 -13.67 15.79
CA PRO B 31 2.08 -12.69 16.67
C PRO B 31 2.41 -11.37 16.01
N LEU B 32 1.44 -10.71 15.36
CA LEU B 32 1.65 -9.39 14.80
C LEU B 32 0.45 -8.50 15.09
N CYS B 33 0.70 -7.19 15.15
CA CYS B 33 -0.33 -6.20 15.40
C CYS B 33 -0.69 -5.48 14.10
N ILE B 34 -1.99 -5.20 13.94
CA ILE B 34 -2.54 -4.67 12.69
C ILE B 34 -3.58 -3.63 13.04
N ARG B 35 -3.66 -2.55 12.24
CA ARG B 35 -4.81 -1.65 12.33
C ARG B 35 -4.91 -0.68 11.15
N ILE B 36 -6.14 -0.43 10.70
CA ILE B 36 -6.47 0.73 9.90
C ILE B 36 -7.71 1.38 10.47
N ASP B 37 -7.68 2.70 10.65
CA ASP B 37 -8.90 3.45 10.89
C ASP B 37 -9.62 3.63 9.56
N GLN B 38 -10.93 3.46 9.58
CA GLN B 38 -11.69 3.48 8.33
C GLN B 38 -12.12 4.86 7.92
N ALA B 39 -12.28 5.79 8.87
CA ALA B 39 -12.39 7.18 8.49
C ALA B 39 -11.01 7.77 8.26
N ILE B 40 -10.10 7.55 9.20
CA ILE B 40 -8.69 7.91 9.01
C ILE B 40 -8.00 6.66 8.46
N MET B 41 -8.14 6.47 7.14
CA MET B 41 -7.52 5.36 6.44
C MET B 41 -6.48 5.89 5.46
N ASP B 42 -5.40 5.14 5.29
CA ASP B 42 -4.33 5.49 4.35
C ASP B 42 -3.52 6.71 4.81
N LYS B 43 -3.16 6.73 6.09
CA LYS B 43 -2.19 7.70 6.57
C LYS B 43 -0.83 7.03 6.73
N ASN B 44 0.21 7.85 6.75
CA ASN B 44 1.56 7.34 6.88
C ASN B 44 1.77 6.79 8.29
N ILE B 45 2.13 5.51 8.39
CA ILE B 45 2.51 4.89 9.65
C ILE B 45 3.97 4.50 9.56
N MET B 46 4.77 5.00 10.51
CA MET B 46 6.22 4.78 10.54
C MET B 46 6.51 3.84 11.71
N LEU B 47 6.63 2.54 11.40
CA LEU B 47 6.68 1.49 12.40
C LEU B 47 8.13 1.19 12.73
N LYS B 48 8.68 1.87 13.75
CA LYS B 48 10.07 1.71 14.12
C LYS B 48 10.19 0.99 15.47
N ALA B 49 11.26 0.21 15.61
CA ALA B 49 11.47 -0.59 16.81
C ALA B 49 12.96 -0.79 17.01
N ASN B 50 13.33 -1.12 18.24
CA ASN B 50 14.70 -1.49 18.57
C ASN B 50 14.80 -3.00 18.52
N PHE B 51 15.22 -3.53 17.36
CA PHE B 51 15.23 -4.97 17.14
C PHE B 51 16.65 -5.49 17.27
N SER B 52 16.76 -6.81 17.22
CA SER B 52 18.05 -7.48 17.35
C SER B 52 18.17 -8.55 16.27
N VAL B 53 19.40 -9.02 16.07
CA VAL B 53 19.74 -9.94 14.99
C VAL B 53 20.68 -11.01 15.56
N ILE B 54 20.75 -12.14 14.87
CA ILE B 54 21.81 -13.11 15.14
C ILE B 54 22.01 -13.97 13.91
N PHE B 55 23.27 -14.09 13.46
CA PHE B 55 23.61 -14.90 12.30
C PHE B 55 22.87 -14.41 11.05
N ASP B 56 22.58 -13.11 11.01
CA ASP B 56 21.72 -12.51 9.99
C ASP B 56 20.28 -13.02 10.12
N ARG B 57 19.84 -13.25 11.35
CA ARG B 57 18.51 -13.81 11.59
C ARG B 57 17.98 -13.34 12.95
N LEU B 58 16.98 -14.05 13.46
CA LEU B 58 16.06 -13.52 14.47
C LEU B 58 16.71 -13.43 15.85
N GLU B 59 16.56 -12.26 16.50
CA GLU B 59 16.70 -12.18 17.95
C GLU B 59 15.43 -11.68 18.64
N THR B 60 14.87 -10.53 18.23
CA THR B 60 13.78 -9.97 19.02
C THR B 60 13.05 -8.78 18.40
N LEU B 61 12.12 -8.20 19.16
CA LEU B 61 11.27 -7.10 18.74
C LEU B 61 10.84 -6.30 19.96
N ILE B 62 10.36 -5.08 19.74
CA ILE B 62 9.80 -4.30 20.84
C ILE B 62 8.37 -3.85 20.56
N LEU B 63 8.18 -2.99 19.57
CA LEU B 63 6.89 -2.35 19.32
C LEU B 63 7.03 -1.45 18.11
N LEU B 64 5.88 -1.08 17.53
CA LEU B 64 5.86 -0.20 16.37
C LEU B 64 4.72 0.79 16.48
N ARG B 65 4.88 1.94 15.83
CA ARG B 65 3.93 3.05 15.91
C ARG B 65 3.71 3.66 14.53
N ALA B 66 3.00 4.78 14.48
CA ALA B 66 2.56 5.39 13.24
C ALA B 66 3.01 6.85 13.17
N PHE B 67 3.57 7.25 12.03
CA PHE B 67 4.12 8.59 11.85
C PHE B 67 4.00 8.99 10.38
N THR B 68 3.76 10.26 10.13
CA THR B 68 3.80 10.82 8.78
C THR B 68 4.73 12.03 8.76
N GLU B 69 4.86 12.63 7.57
CA GLU B 69 5.53 13.92 7.47
C GLU B 69 4.66 15.01 8.11
N GLU B 70 3.37 15.05 7.74
CA GLU B 70 2.42 15.88 8.47
C GLU B 70 2.27 15.39 9.91
N GLY B 71 2.49 14.10 10.15
CA GLY B 71 2.45 13.54 11.48
C GLY B 71 1.17 12.80 11.84
N ALA B 72 0.28 12.56 10.88
CA ALA B 72 -1.01 11.94 11.20
C ALA B 72 -0.80 10.43 11.42
N ILE B 73 -1.91 9.70 11.52
CA ILE B 73 -1.89 8.26 11.73
C ILE B 73 -3.17 7.68 11.15
N VAL B 74 -3.05 6.55 10.47
CA VAL B 74 -4.22 5.82 10.01
C VAL B 74 -4.56 4.70 10.99
N GLY B 75 -3.54 4.18 11.65
CA GLY B 75 -3.76 3.11 12.59
C GLY B 75 -2.48 2.71 13.31
N GLU B 76 -2.44 1.49 13.83
CA GLU B 76 -1.28 1.06 14.59
C GLU B 76 -0.91 -0.35 14.16
N ILE B 77 0.40 -0.63 14.18
CA ILE B 77 0.94 -1.92 13.78
C ILE B 77 2.11 -2.23 14.71
N SER B 78 2.35 -3.51 14.96
CA SER B 78 3.44 -3.91 15.84
C SER B 78 3.60 -5.42 15.77
N PRO B 79 4.75 -5.93 16.18
CA PRO B 79 4.91 -7.38 16.36
C PRO B 79 4.20 -7.82 17.63
N LEU B 80 3.21 -8.68 17.48
CA LEU B 80 2.38 -9.06 18.63
C LEU B 80 3.00 -10.24 19.37
N PRO B 81 2.79 -10.33 20.69
CA PRO B 81 3.15 -11.54 21.42
C PRO B 81 1.99 -12.54 21.46
N SER B 82 2.34 -13.75 21.84
CA SER B 82 1.39 -14.86 21.90
C SER B 82 1.81 -15.77 23.05
N PHE B 83 1.21 -16.97 23.10
CA PHE B 83 1.58 -17.95 24.11
C PHE B 83 3.07 -18.28 24.10
N PRO B 84 3.69 -18.60 22.95
CA PRO B 84 5.16 -18.67 22.90
C PRO B 84 5.82 -17.32 22.71
N GLY B 85 5.04 -16.24 22.70
CA GLY B 85 5.55 -14.94 22.35
C GLY B 85 5.22 -14.60 20.91
N HIS B 86 6.21 -14.60 20.04
CA HIS B 86 6.00 -14.28 18.64
C HIS B 86 6.58 -15.41 17.80
N THR B 87 5.70 -16.29 17.31
CA THR B 87 6.16 -17.36 16.46
C THR B 87 6.63 -16.81 15.13
N ILE B 88 7.86 -17.17 14.77
CA ILE B 88 8.49 -16.75 13.52
C ILE B 88 7.61 -17.15 12.34
N GLU B 89 7.43 -18.45 12.12
CA GLU B 89 6.58 -18.92 11.03
C GLU B 89 5.15 -18.39 11.12
N ASP B 90 4.68 -18.05 12.33
CA ASP B 90 3.35 -17.46 12.45
C ASP B 90 3.38 -16.00 12.04
N VAL B 91 4.55 -15.37 12.13
CA VAL B 91 4.72 -14.04 11.58
C VAL B 91 4.54 -14.06 10.06
N LYS B 92 4.83 -15.21 9.43
CA LYS B 92 4.47 -15.41 8.04
C LYS B 92 2.97 -15.18 7.82
N ASN B 93 2.17 -15.45 8.85
CA ASN B 93 0.74 -15.18 8.78
C ASN B 93 0.40 -13.89 9.50
N ALA B 94 0.97 -13.67 10.67
CA ALA B 94 0.67 -12.46 11.43
C ALA B 94 1.17 -11.22 10.71
N ILE B 95 2.41 -11.24 10.21
CA ILE B 95 2.78 -10.26 9.20
C ILE B 95 2.10 -10.58 7.88
N GLY B 96 1.82 -11.86 7.63
CA GLY B 96 1.11 -12.23 6.41
C GLY B 96 -0.24 -11.55 6.29
N VAL B 97 -1.08 -11.73 7.30
CA VAL B 97 -2.36 -11.03 7.33
C VAL B 97 -2.16 -9.52 7.48
N LEU B 98 -1.02 -9.10 8.00
CA LEU B 98 -0.72 -7.70 8.25
C LEU B 98 -0.36 -6.91 6.98
N ILE B 99 -0.45 -7.53 5.81
CA ILE B 99 -0.05 -6.85 4.58
C ILE B 99 -1.23 -6.47 3.67
N GLY B 100 -2.40 -7.08 3.86
CA GLY B 100 -3.46 -6.92 2.89
C GLY B 100 -4.76 -6.26 3.33
N GLY B 101 -4.77 -5.66 4.52
CA GLY B 101 -5.97 -5.01 5.03
C GLY B 101 -6.57 -3.93 4.16
N LEU B 102 -5.91 -2.77 4.07
CA LEU B 102 -6.45 -1.66 3.29
C LEU B 102 -6.37 -1.87 1.79
N GLU B 103 -5.71 -2.94 1.33
CA GLU B 103 -5.42 -3.08 -0.09
C GLU B 103 -6.68 -3.16 -0.96
N TRP B 104 -7.84 -3.43 -0.39
CA TRP B 104 -9.07 -3.47 -1.17
C TRP B 104 -9.35 -2.13 -1.84
N ASN B 105 -9.17 -1.03 -1.12
CA ASN B 105 -9.45 0.30 -1.62
C ASN B 105 -8.24 0.91 -2.32
N ASP B 106 -7.35 0.08 -2.86
CA ASP B 106 -6.24 0.52 -3.70
C ASP B 106 -5.15 1.18 -2.88
N ASN B 107 -5.38 1.34 -1.57
CA ASN B 107 -4.41 1.95 -0.67
C ASN B 107 -3.75 0.85 0.15
N THR B 108 -2.44 0.67 -0.06
CA THR B 108 -1.72 -0.45 0.51
C THR B 108 -1.71 -0.37 2.04
N VAL B 109 -1.32 -1.48 2.66
CA VAL B 109 -1.42 -1.65 4.09
C VAL B 109 -0.05 -1.44 4.70
N ARG B 110 0.00 -1.31 6.03
CA ARG B 110 1.24 -1.23 6.76
C ARG B 110 1.47 -2.53 7.50
N VAL B 111 2.74 -2.92 7.61
CA VAL B 111 3.11 -4.19 8.20
C VAL B 111 4.20 -3.96 9.23
N SER B 112 4.33 -4.87 10.19
CA SER B 112 5.36 -4.72 11.21
C SER B 112 6.72 -5.09 10.63
N LYS B 113 7.75 -4.39 11.09
CA LYS B 113 9.08 -4.52 10.53
C LYS B 113 9.99 -5.46 11.32
N THR B 114 9.77 -5.59 12.64
CA THR B 114 10.63 -6.44 13.45
C THR B 114 10.56 -7.89 12.99
N LEU B 115 9.39 -8.51 13.13
CA LEU B 115 9.26 -9.93 12.79
C LEU B 115 9.31 -10.19 11.29
N GLN B 116 9.47 -9.15 10.47
CA GLN B 116 9.51 -9.35 9.02
C GLN B 116 10.77 -10.09 8.60
N ARG B 117 11.94 -9.48 8.85
CA ARG B 117 13.20 -9.97 8.29
C ARG B 117 13.59 -11.33 8.85
N PHE B 118 13.18 -11.66 10.06
CA PHE B 118 13.64 -12.88 10.69
C PHE B 118 12.55 -13.76 11.27
N ALA B 119 11.32 -13.27 11.40
CA ALA B 119 10.20 -14.13 11.77
C ALA B 119 9.27 -14.36 10.59
N TRP B 120 8.82 -13.28 9.95
CA TRP B 120 8.00 -13.36 8.75
C TRP B 120 8.68 -14.20 7.67
N GLY B 121 10.01 -14.28 7.69
CA GLY B 121 10.74 -15.35 7.03
C GLY B 121 10.94 -16.52 7.98
N SER B 122 10.70 -17.74 7.50
CA SER B 122 10.76 -18.95 8.31
C SER B 122 9.71 -18.94 9.40
#